data_3WBE
#
_entry.id   3WBE
#
_cell.length_a   57.047
_cell.length_b   91.215
_cell.length_c   111.368
_cell.angle_alpha   90.00
_cell.angle_beta   90.00
_cell.angle_gamma   90.00
#
_symmetry.space_group_name_H-M   'P 21 21 21'
#
loop_
_entity.id
_entity.type
_entity.pdbx_description
1 polymer 'Beta-glucosidase 6'
2 non-polymer alpha-D-glucopyranose
3 non-polymer GLYCEROL
4 water water
#
_entity_poly.entity_id   1
_entity_poly.type   'polypeptide(L)'
_entity_poly.pdbx_seq_one_letter_code
;GSFTMAQQSGGGLTRGSFPEGFVFGTASAAYQYEGAVKEDGRGQTIWDTFAHTFGKITDFSNADVAVDQYHRFEEDIQLM
ADMGMDAYRFSIAWSRIYPNGVGQVNQAGIDHYNKLIDALLAKGIQPYVTLYHWDLPQALEDKYKGWLDRQIVDDFAAYA
ETCFREFGDRVKHWITLNQPHTVAIQGYDAGLQAPGRCSVLLHLYCKAGNSGTEPYVVAHHFILAHAAAASIYRTKYKAT
QNGQLGIAFDVMWFEPMSNTTIDIEAAKRAQEFQLGWFADPFFFGDYPATMRARVGERLPRFTADEAAVVKGALDFVGIN
HYTTYYTRHNNTNIIGTLLNNTLADTGTVSLPFKNGKPIGDRANSIWLYIVPRGMRSLMNYVKERYNSPPVYITENGMDD
SNNPFISIKDALKDSKRIKYHNDYLTNLAASIKEDGCDVRGYFAWSLLDNWEWAAGYSSRFGLYFVDYKDNLKRYPKNSV
QWFKALLKT
;
_entity_poly.pdbx_strand_id   A
#
loop_
_chem_comp.id
_chem_comp.type
_chem_comp.name
_chem_comp.formula
GLC D-saccharide, alpha linking alpha-D-glucopyranose 'C6 H12 O6'
GOL non-polymer GLYCEROL 'C3 H8 O3'
#
# COMPACT_ATOMS: atom_id res chain seq x y z
N GLY A 12 4.04 19.85 -22.46
CA GLY A 12 4.33 18.82 -21.42
C GLY A 12 3.38 17.64 -21.47
N LEU A 13 3.23 16.99 -20.32
CA LEU A 13 2.34 15.84 -20.18
C LEU A 13 0.88 16.22 -20.31
N THR A 14 0.13 15.35 -20.99
CA THR A 14 -1.31 15.47 -21.13
C THR A 14 -1.86 14.04 -21.06
N ARG A 15 -3.18 13.88 -21.04
CA ARG A 15 -3.77 12.53 -21.18
C ARG A 15 -3.30 11.83 -22.45
N GLY A 16 -3.01 12.65 -23.46
CA GLY A 16 -2.45 12.19 -24.73
C GLY A 16 -1.09 11.54 -24.62
N SER A 17 -0.36 11.78 -23.52
CA SER A 17 0.93 11.14 -23.34
C SER A 17 0.81 9.69 -22.92
N PHE A 18 -0.42 9.27 -22.56
CA PHE A 18 -0.71 7.91 -22.05
C PHE A 18 -1.69 7.21 -22.99
N PRO A 19 -1.78 5.86 -22.93
CA PRO A 19 -2.70 5.13 -23.81
C PRO A 19 -4.14 5.59 -23.65
N GLU A 20 -4.94 5.41 -24.70
CA GLU A 20 -6.37 5.64 -24.61
C GLU A 20 -6.94 4.83 -23.45
N GLY A 21 -7.77 5.48 -22.65
CA GLY A 21 -8.45 4.81 -21.53
C GLY A 21 -7.62 4.75 -20.26
N PHE A 22 -6.38 5.25 -20.28
CA PHE A 22 -5.50 5.21 -19.09
C PHE A 22 -6.22 5.91 -17.91
N VAL A 23 -6.20 5.27 -16.76
CA VAL A 23 -7.00 5.73 -15.61
C VAL A 23 -6.18 6.59 -14.64
N PHE A 24 -6.64 7.81 -14.37
CA PHE A 24 -6.01 8.66 -13.36
C PHE A 24 -6.87 8.77 -12.12
N GLY A 25 -6.26 8.63 -10.94
CA GLY A 25 -7.04 8.75 -9.73
C GLY A 25 -6.22 9.28 -8.57
N THR A 26 -6.86 9.35 -7.40
CA THR A 26 -6.16 9.61 -6.16
C THR A 26 -6.50 8.42 -5.25
N ALA A 27 -5.67 8.22 -4.23
CA ALA A 27 -5.80 7.11 -3.31
C ALA A 27 -5.92 7.58 -1.86
N SER A 28 -6.59 6.76 -1.06
CA SER A 28 -6.83 7.03 0.37
C SER A 28 -6.90 5.69 1.06
N ALA A 29 -7.02 5.70 2.40
CA ALA A 29 -7.17 4.48 3.20
C ALA A 29 -8.09 4.84 4.36
N ALA A 30 -8.93 3.88 4.78
CA ALA A 30 -9.99 4.14 5.73
C ALA A 30 -9.48 4.70 7.06
N TYR A 31 -8.50 4.03 7.68
CA TYR A 31 -8.10 4.47 9.01
C TYR A 31 -7.43 5.84 8.97
N GLN A 32 -6.78 6.16 7.85
CA GLN A 32 -6.08 7.45 7.70
C GLN A 32 -7.00 8.62 7.43
N TYR A 33 -8.20 8.32 6.92
CA TYR A 33 -9.12 9.35 6.42
C TYR A 33 -10.44 9.43 7.18
N GLU A 34 -11.01 8.29 7.57
CA GLU A 34 -12.46 8.28 7.89
C GLU A 34 -12.85 9.02 9.17
N GLY A 35 -12.09 8.78 10.23
CA GLY A 35 -12.53 9.16 11.57
C GLY A 35 -13.77 8.35 11.92
N ALA A 36 -14.65 8.94 12.72
CA ALA A 36 -15.88 8.27 13.15
C ALA A 36 -15.59 6.84 13.65
N VAL A 37 -14.56 6.72 14.49
CA VAL A 37 -14.06 5.39 14.86
C VAL A 37 -15.03 4.58 15.72
N LYS A 38 -15.95 5.25 16.40
CA LYS A 38 -16.98 4.54 17.21
C LYS A 38 -18.40 4.60 16.63
N GLU A 39 -18.54 5.24 15.47
N GLU A 39 -18.55 5.25 15.48
CA GLU A 39 -19.84 5.50 14.90
CA GLU A 39 -19.87 5.49 14.93
C GLU A 39 -20.37 4.28 14.16
C GLU A 39 -20.39 4.29 14.15
N ASP A 40 -21.69 4.08 14.24
CA ASP A 40 -22.41 3.07 13.44
C ASP A 40 -21.91 1.64 13.60
N GLY A 41 -21.55 1.28 14.84
CA GLY A 41 -21.21 -0.10 15.17
C GLY A 41 -19.80 -0.57 14.82
N ARG A 42 -18.93 0.35 14.40
CA ARG A 42 -17.56 -0.01 14.02
C ARG A 42 -16.82 -0.70 15.16
N GLY A 43 -16.19 -1.83 14.85
CA GLY A 43 -15.36 -2.53 15.81
C GLY A 43 -13.96 -1.93 15.96
N GLN A 44 -13.38 -2.09 17.14
CA GLN A 44 -11.99 -1.71 17.38
C GLN A 44 -11.04 -2.45 16.43
N THR A 45 -10.02 -1.75 15.93
CA THR A 45 -8.99 -2.40 15.09
C THR A 45 -7.63 -2.35 15.80
N ILE A 46 -6.66 -3.07 15.26
CA ILE A 46 -5.32 -3.05 15.83
C ILE A 46 -4.68 -1.67 15.77
N TRP A 47 -5.08 -0.85 14.80
CA TRP A 47 -4.58 0.53 14.74
C TRP A 47 -5.26 1.48 15.73
N ASP A 48 -6.54 1.24 16.08
CA ASP A 48 -7.12 1.98 17.22
C ASP A 48 -6.29 1.70 18.47
N THR A 49 -6.03 0.41 18.74
CA THR A 49 -5.27 0.01 19.92
C THR A 49 -3.85 0.62 19.88
N PHE A 50 -3.20 0.49 18.73
CA PHE A 50 -1.82 0.98 18.55
C PHE A 50 -1.73 2.51 18.70
N ALA A 51 -2.64 3.26 18.07
CA ALA A 51 -2.58 4.74 18.14
C ALA A 51 -2.93 5.24 19.54
N HIS A 52 -3.59 4.40 20.33
CA HIS A 52 -3.92 4.73 21.73
C HIS A 52 -2.95 4.10 22.75
N THR A 53 -1.80 3.65 22.29
CA THR A 53 -0.77 3.10 23.16
C THR A 53 0.40 4.08 23.20
N PHE A 54 0.88 4.39 24.41
CA PHE A 54 2.02 5.29 24.60
C PHE A 54 3.24 4.86 23.78
N GLY A 55 3.90 5.84 23.16
CA GLY A 55 5.16 5.57 22.48
C GLY A 55 5.05 5.23 21.01
N LYS A 56 3.84 4.91 20.54
CA LYS A 56 3.69 4.32 19.21
C LYS A 56 3.63 5.33 18.07
N ILE A 57 3.06 6.50 18.36
CA ILE A 57 2.85 7.54 17.35
C ILE A 57 3.70 8.77 17.72
N THR A 58 4.54 9.22 16.78
CA THR A 58 5.61 10.17 17.09
C THR A 58 5.11 11.50 17.62
N ASP A 59 3.93 11.93 17.16
CA ASP A 59 3.39 13.23 17.58
C ASP A 59 2.23 13.08 18.58
N PHE A 60 2.13 11.92 19.22
CA PHE A 60 1.09 11.62 20.22
C PHE A 60 -0.34 11.66 19.69
N SER A 61 -0.53 11.56 18.37
CA SER A 61 -1.86 11.74 17.80
C SER A 61 -2.57 10.42 17.52
N ASN A 62 -3.84 10.50 17.12
CA ASN A 62 -4.56 9.33 16.69
C ASN A 62 -5.50 9.75 15.56
N ALA A 63 -6.14 8.76 14.94
CA ALA A 63 -7.07 9.04 13.84
C ALA A 63 -8.55 8.90 14.25
N ASP A 64 -8.88 9.24 15.50
CA ASP A 64 -10.28 9.13 15.98
C ASP A 64 -11.20 9.96 15.11
N VAL A 65 -10.70 11.11 14.69
CA VAL A 65 -11.43 12.02 13.80
C VAL A 65 -10.76 12.05 12.43
N ALA A 66 -9.42 11.99 12.41
CA ALA A 66 -8.67 12.01 11.14
C ALA A 66 -9.09 13.22 10.30
N VAL A 67 -9.42 13.04 9.02
CA VAL A 67 -9.98 14.14 8.25
C VAL A 67 -11.52 14.03 8.05
N ASP A 68 -12.13 13.15 8.83
CA ASP A 68 -13.59 13.04 8.89
C ASP A 68 -14.24 12.68 7.54
N GLN A 69 -13.52 11.94 6.70
CA GLN A 69 -14.12 11.57 5.40
C GLN A 69 -15.39 10.74 5.55
N TYR A 70 -15.57 10.09 6.70
CA TYR A 70 -16.82 9.35 6.95
C TYR A 70 -18.06 10.27 6.78
N HIS A 71 -17.94 11.52 7.21
CA HIS A 71 -19.03 12.49 7.06
C HIS A 71 -18.88 13.45 5.89
N ARG A 72 -17.70 13.48 5.27
CA ARG A 72 -17.39 14.55 4.31
C ARG A 72 -17.08 14.06 2.90
N PHE A 73 -17.39 12.79 2.65
CA PHE A 73 -17.06 12.17 1.36
C PHE A 73 -17.67 12.88 0.15
N GLU A 74 -18.88 13.42 0.27
CA GLU A 74 -19.46 14.10 -0.91
C GLU A 74 -18.71 15.38 -1.25
N GLU A 75 -18.30 16.13 -0.24
CA GLU A 75 -17.43 17.28 -0.46
C GLU A 75 -16.14 16.83 -1.15
N ASP A 76 -15.54 15.75 -0.67
CA ASP A 76 -14.25 15.27 -1.18
C ASP A 76 -14.36 14.77 -2.62
N ILE A 77 -15.46 14.10 -2.93
CA ILE A 77 -15.74 13.63 -4.29
C ILE A 77 -15.82 14.81 -5.28
N GLN A 78 -16.42 15.92 -4.84
CA GLN A 78 -16.51 17.10 -5.68
C GLN A 78 -15.11 17.65 -5.92
N LEU A 79 -14.23 17.54 -4.91
CA LEU A 79 -12.82 17.93 -5.07
C LEU A 79 -12.09 17.10 -6.12
N MET A 80 -12.36 15.79 -6.15
CA MET A 80 -11.85 14.94 -7.23
C MET A 80 -12.39 15.35 -8.59
N ALA A 81 -13.69 15.59 -8.68
CA ALA A 81 -14.35 15.96 -9.92
C ALA A 81 -13.85 17.30 -10.44
N ASP A 82 -13.49 18.21 -9.51
CA ASP A 82 -12.91 19.52 -9.86
C ASP A 82 -11.61 19.36 -10.67
N MET A 83 -10.82 18.33 -10.37
CA MET A 83 -9.61 18.04 -11.12
C MET A 83 -9.83 17.17 -12.36
N GLY A 84 -11.00 16.57 -12.49
CA GLY A 84 -11.24 15.63 -13.60
C GLY A 84 -10.67 14.22 -13.40
N MET A 85 -10.49 13.80 -12.15
CA MET A 85 -10.09 12.41 -11.85
C MET A 85 -11.07 11.37 -12.41
N ASP A 86 -10.51 10.24 -12.86
CA ASP A 86 -11.30 9.14 -13.42
C ASP A 86 -11.73 8.15 -12.35
N ALA A 87 -10.98 8.09 -11.24
CA ALA A 87 -11.12 7.00 -10.31
C ALA A 87 -10.69 7.45 -8.91
N TYR A 88 -11.14 6.71 -7.89
CA TYR A 88 -10.71 6.95 -6.52
C TYR A 88 -10.40 5.62 -5.90
N ARG A 89 -9.20 5.50 -5.33
CA ARG A 89 -8.86 4.29 -4.60
C ARG A 89 -9.18 4.56 -3.14
N PHE A 90 -10.03 3.72 -2.54
CA PHE A 90 -10.31 3.81 -1.10
C PHE A 90 -10.36 2.43 -0.49
N SER A 91 -10.29 2.34 0.83
CA SER A 91 -10.40 1.02 1.44
C SER A 91 -11.67 0.90 2.25
N ILE A 92 -12.11 -0.35 2.39
CA ILE A 92 -13.21 -0.67 3.29
C ILE A 92 -12.60 -1.10 4.61
N ALA A 93 -13.09 -0.51 5.70
CA ALA A 93 -12.72 -0.94 7.02
C ALA A 93 -13.47 -2.24 7.34
N TRP A 94 -12.72 -3.34 7.40
CA TRP A 94 -13.25 -4.64 7.79
C TRP A 94 -14.12 -4.58 9.06
N SER A 95 -13.63 -3.87 10.07
CA SER A 95 -14.38 -3.76 11.33
C SER A 95 -15.69 -2.95 11.23
N ARG A 96 -15.92 -2.20 10.14
CA ARG A 96 -17.27 -1.63 9.88
C ARG A 96 -18.25 -2.66 9.32
N ILE A 97 -17.72 -3.72 8.70
CA ILE A 97 -18.54 -4.78 8.08
C ILE A 97 -18.80 -5.93 9.05
N TYR A 98 -17.72 -6.44 9.65
CA TYR A 98 -17.73 -7.42 10.73
C TYR A 98 -16.97 -6.82 11.90
N PRO A 99 -17.68 -6.10 12.79
CA PRO A 99 -17.01 -5.47 13.93
C PRO A 99 -16.15 -6.42 14.75
N ASN A 100 -16.56 -7.69 14.82
CA ASN A 100 -15.72 -8.70 15.47
C ASN A 100 -14.96 -9.61 14.50
N GLY A 101 -14.80 -9.16 13.26
CA GLY A 101 -14.00 -9.90 12.28
C GLY A 101 -14.78 -10.96 11.53
N VAL A 102 -15.51 -11.75 12.31
CA VAL A 102 -16.45 -12.77 11.80
C VAL A 102 -17.77 -12.59 12.56
N GLY A 103 -18.76 -13.38 12.21
CA GLY A 103 -20.03 -13.37 12.93
C GLY A 103 -21.06 -12.47 12.26
N GLN A 104 -21.69 -11.62 13.05
CA GLN A 104 -22.80 -10.80 12.61
C GLN A 104 -22.33 -9.65 11.72
N VAL A 105 -22.91 -9.53 10.52
N VAL A 105 -22.91 -9.55 10.52
CA VAL A 105 -22.59 -8.41 9.65
CA VAL A 105 -22.64 -8.39 9.65
C VAL A 105 -23.26 -7.15 10.18
C VAL A 105 -23.23 -7.15 10.27
N ASN A 106 -22.57 -6.02 10.03
CA ASN A 106 -23.05 -4.73 10.48
C ASN A 106 -23.68 -4.05 9.28
N GLN A 107 -25.02 -4.03 9.23
CA GLN A 107 -25.72 -3.46 8.09
C GLN A 107 -25.36 -2.00 7.84
N ALA A 108 -25.14 -1.22 8.91
CA ALA A 108 -24.80 0.19 8.78
C ALA A 108 -23.46 0.37 8.03
N GLY A 109 -22.53 -0.57 8.20
CA GLY A 109 -21.26 -0.54 7.43
C GLY A 109 -21.51 -0.73 5.94
N ILE A 110 -22.31 -1.75 5.58
CA ILE A 110 -22.70 -1.98 4.18
C ILE A 110 -23.37 -0.71 3.61
N ASP A 111 -24.28 -0.14 4.40
CA ASP A 111 -25.03 1.04 3.95
C ASP A 111 -24.11 2.22 3.66
N HIS A 112 -23.15 2.45 4.56
CA HIS A 112 -22.18 3.54 4.35
C HIS A 112 -21.42 3.39 3.03
N TYR A 113 -20.79 2.23 2.84
CA TYR A 113 -19.99 2.04 1.62
C TYR A 113 -20.84 2.03 0.35
N ASN A 114 -22.09 1.58 0.43
CA ASN A 114 -23.00 1.79 -0.73
C ASN A 114 -23.21 3.26 -1.06
N LYS A 115 -23.36 4.10 -0.04
CA LYS A 115 -23.52 5.54 -0.27
C LYS A 115 -22.27 6.14 -0.90
N LEU A 116 -21.10 5.74 -0.39
CA LEU A 116 -19.84 6.21 -0.93
C LEU A 116 -19.68 5.80 -2.42
N ILE A 117 -19.86 4.52 -2.70
CA ILE A 117 -19.77 4.00 -4.08
C ILE A 117 -20.78 4.70 -5.02
N ASP A 118 -22.02 4.81 -4.58
CA ASP A 118 -23.03 5.52 -5.41
C ASP A 118 -22.69 7.00 -5.63
N ALA A 119 -22.14 7.66 -4.61
CA ALA A 119 -21.76 9.07 -4.74
C ALA A 119 -20.62 9.25 -5.73
N LEU A 120 -19.67 8.32 -5.72
CA LEU A 120 -18.57 8.36 -6.69
C LEU A 120 -19.08 8.17 -8.12
N LEU A 121 -19.86 7.13 -8.33
CA LEU A 121 -20.41 6.84 -9.67
C LEU A 121 -21.34 7.94 -10.17
N ALA A 122 -22.03 8.61 -9.26
CA ALA A 122 -22.90 9.74 -9.65
C ALA A 122 -22.09 10.86 -10.26
N LYS A 123 -20.80 10.95 -9.92
CA LYS A 123 -19.94 11.98 -10.48
C LYS A 123 -19.04 11.46 -11.62
N GLY A 124 -19.24 10.21 -12.03
CA GLY A 124 -18.47 9.60 -13.09
C GLY A 124 -17.09 9.13 -12.66
N ILE A 125 -16.91 8.89 -11.36
CA ILE A 125 -15.63 8.45 -10.79
C ILE A 125 -15.72 6.98 -10.39
N GLN A 126 -14.83 6.15 -10.94
CA GLN A 126 -14.84 4.69 -10.69
C GLN A 126 -14.21 4.33 -9.37
N PRO A 127 -14.86 3.44 -8.59
CA PRO A 127 -14.27 3.02 -7.31
C PRO A 127 -13.27 1.87 -7.47
N TYR A 128 -12.06 2.07 -6.94
CA TYR A 128 -11.05 1.01 -6.89
C TYR A 128 -10.88 0.70 -5.41
N VAL A 129 -11.29 -0.50 -5.01
CA VAL A 129 -11.53 -0.74 -3.59
C VAL A 129 -10.49 -1.68 -3.02
N THR A 130 -9.83 -1.22 -1.96
CA THR A 130 -8.91 -2.04 -1.19
C THR A 130 -9.68 -2.72 -0.04
N LEU A 131 -9.59 -4.04 0.04
CA LEU A 131 -10.28 -4.75 1.11
C LEU A 131 -9.56 -4.64 2.44
N TYR A 132 -8.24 -4.72 2.39
CA TYR A 132 -7.45 -4.68 3.61
C TYR A 132 -6.33 -3.65 3.54
N HIS A 133 -6.51 -2.53 4.23
CA HIS A 133 -5.44 -1.53 4.36
C HIS A 133 -5.06 -1.38 5.84
N TRP A 134 -4.72 -2.52 6.45
CA TRP A 134 -3.97 -2.64 7.74
C TRP A 134 -4.81 -2.65 9.01
N ASP A 135 -6.11 -2.45 8.86
CA ASP A 135 -6.98 -2.20 10.01
C ASP A 135 -7.72 -3.46 10.44
N LEU A 136 -6.95 -4.49 10.77
CA LEU A 136 -7.49 -5.76 11.25
C LEU A 136 -8.38 -5.55 12.49
N PRO A 137 -9.62 -6.13 12.49
CA PRO A 137 -10.43 -6.09 13.72
C PRO A 137 -9.66 -6.63 14.92
N GLN A 138 -9.65 -5.84 16.00
CA GLN A 138 -8.96 -6.25 17.23
C GLN A 138 -9.44 -7.63 17.76
N ALA A 139 -10.71 -7.95 17.56
CA ALA A 139 -11.24 -9.24 18.00
C ALA A 139 -10.47 -10.45 17.40
N LEU A 140 -10.00 -10.34 16.17
CA LEU A 140 -9.16 -11.41 15.57
C LEU A 140 -7.74 -11.41 16.11
N GLU A 141 -7.18 -10.23 16.34
CA GLU A 141 -5.88 -10.16 17.02
C GLU A 141 -5.98 -10.80 18.42
N ASP A 142 -7.05 -10.50 19.15
CA ASP A 142 -7.26 -11.08 20.49
C ASP A 142 -7.48 -12.60 20.45
N LYS A 143 -8.23 -13.08 19.47
CA LYS A 143 -8.63 -14.49 19.43
C LYS A 143 -7.46 -15.40 19.05
N TYR A 144 -6.69 -15.00 18.05
CA TYR A 144 -5.67 -15.87 17.54
C TYR A 144 -4.41 -15.16 17.01
N LYS A 145 -4.21 -13.92 17.41
CA LYS A 145 -3.06 -13.11 16.96
C LYS A 145 -3.09 -12.82 15.44
N GLY A 146 -4.29 -12.71 14.91
CA GLY A 146 -4.53 -12.19 13.55
C GLY A 146 -3.72 -12.92 12.48
N TRP A 147 -2.87 -12.18 11.76
CA TRP A 147 -2.13 -12.73 10.60
C TRP A 147 -1.17 -13.87 10.95
N LEU A 148 -0.90 -14.05 12.25
CA LEU A 148 0.02 -15.12 12.68
C LEU A 148 -0.64 -16.51 12.65
N ASP A 149 -1.98 -16.55 12.51
CA ASP A 149 -2.71 -17.82 12.55
C ASP A 149 -3.34 -18.07 11.21
N ARG A 150 -3.29 -19.34 10.75
CA ARG A 150 -3.91 -19.76 9.50
CA ARG A 150 -3.90 -19.74 9.49
C ARG A 150 -5.40 -19.42 9.42
N GLN A 151 -6.07 -19.31 10.57
CA GLN A 151 -7.52 -19.01 10.57
C GLN A 151 -7.82 -17.69 9.84
N ILE A 152 -6.84 -16.79 9.80
CA ILE A 152 -7.02 -15.50 9.13
C ILE A 152 -7.38 -15.71 7.65
N VAL A 153 -6.88 -16.79 7.07
CA VAL A 153 -7.12 -17.06 5.65
C VAL A 153 -8.61 -17.17 5.37
N ASP A 154 -9.29 -18.08 6.08
CA ASP A 154 -10.74 -18.26 5.90
C ASP A 154 -11.52 -17.03 6.33
N ASP A 155 -11.10 -16.40 7.42
CA ASP A 155 -11.84 -15.22 7.90
C ASP A 155 -11.78 -14.06 6.92
N PHE A 156 -10.59 -13.83 6.36
CA PHE A 156 -10.44 -12.77 5.34
C PHE A 156 -11.24 -13.11 4.10
N ALA A 157 -11.21 -14.38 3.69
CA ALA A 157 -11.95 -14.77 2.48
C ALA A 157 -13.46 -14.60 2.65
N ALA A 158 -13.97 -14.90 3.83
CA ALA A 158 -15.42 -14.68 4.09
C ALA A 158 -15.77 -13.19 4.05
N TYR A 159 -14.90 -12.36 4.61
CA TYR A 159 -15.07 -10.92 4.59
C TYR A 159 -15.05 -10.40 3.15
N ALA A 160 -14.06 -10.85 2.38
CA ALA A 160 -13.99 -10.48 0.98
C ALA A 160 -15.25 -10.91 0.21
N GLU A 161 -15.75 -12.11 0.49
CA GLU A 161 -16.97 -12.58 -0.20
C GLU A 161 -18.15 -11.65 0.06
N THR A 162 -18.33 -11.22 1.30
CA THR A 162 -19.40 -10.28 1.64
C THR A 162 -19.26 -9.00 0.83
N CYS A 163 -18.03 -8.50 0.70
CA CYS A 163 -17.82 -7.29 -0.11
C CYS A 163 -18.17 -7.55 -1.60
N PHE A 164 -17.69 -8.65 -2.16
CA PHE A 164 -18.02 -9.00 -3.56
C PHE A 164 -19.55 -9.03 -3.74
N ARG A 165 -20.22 -9.72 -2.82
CA ARG A 165 -21.69 -9.89 -2.86
CA ARG A 165 -21.68 -9.89 -2.87
C ARG A 165 -22.42 -8.55 -2.75
N GLU A 166 -21.99 -7.70 -1.82
CA GLU A 166 -22.69 -6.44 -1.59
C GLU A 166 -22.36 -5.33 -2.60
N PHE A 167 -21.12 -5.29 -3.09
CA PHE A 167 -20.67 -4.12 -3.85
C PHE A 167 -20.22 -4.42 -5.30
N GLY A 168 -19.99 -5.69 -5.61
CA GLY A 168 -19.34 -6.07 -6.87
C GLY A 168 -20.18 -5.85 -8.12
N ASP A 169 -21.48 -5.58 -7.97
CA ASP A 169 -22.31 -5.14 -9.10
C ASP A 169 -21.85 -3.77 -9.63
N ARG A 170 -21.20 -2.99 -8.76
CA ARG A 170 -20.71 -1.65 -9.12
C ARG A 170 -19.18 -1.54 -9.08
N VAL A 171 -18.55 -2.26 -8.14
CA VAL A 171 -17.10 -2.26 -8.01
C VAL A 171 -16.50 -3.34 -8.92
N LYS A 172 -15.63 -2.91 -9.84
CA LYS A 172 -15.04 -3.80 -10.85
C LYS A 172 -13.53 -3.95 -10.72
N HIS A 173 -12.93 -3.23 -9.77
CA HIS A 173 -11.49 -3.28 -9.54
C HIS A 173 -11.26 -3.35 -8.03
N TRP A 174 -10.73 -4.49 -7.61
CA TRP A 174 -10.52 -4.82 -6.22
C TRP A 174 -9.04 -5.00 -5.94
N ILE A 175 -8.59 -4.43 -4.83
CA ILE A 175 -7.23 -4.67 -4.36
C ILE A 175 -7.42 -5.41 -3.04
N THR A 176 -7.06 -6.69 -3.00
CA THR A 176 -7.30 -7.47 -1.79
C THR A 176 -6.52 -6.90 -0.61
N LEU A 177 -5.20 -6.72 -0.80
CA LEU A 177 -4.27 -6.41 0.28
C LEU A 177 -3.42 -5.21 -0.10
N ASN A 178 -3.20 -4.32 0.84
CA ASN A 178 -2.26 -3.21 0.66
C ASN A 178 -0.93 -3.49 1.35
N GLN A 179 0.14 -3.52 0.55
CA GLN A 179 1.53 -3.61 1.07
C GLN A 179 1.74 -4.71 2.14
N PRO A 180 1.45 -5.97 1.78
CA PRO A 180 1.74 -7.04 2.75
C PRO A 180 3.22 -7.10 3.20
N HIS A 181 4.15 -6.66 2.34
CA HIS A 181 5.56 -6.57 2.73
C HIS A 181 5.77 -5.59 3.90
N THR A 182 5.19 -4.39 3.76
CA THR A 182 5.24 -3.37 4.82
C THR A 182 4.70 -3.93 6.12
N VAL A 183 3.54 -4.57 6.08
CA VAL A 183 2.92 -5.10 7.28
C VAL A 183 3.83 -6.17 7.91
N ALA A 184 4.33 -7.08 7.09
CA ALA A 184 5.19 -8.18 7.62
C ALA A 184 6.43 -7.62 8.30
N ILE A 185 7.08 -6.63 7.69
CA ILE A 185 8.33 -6.09 8.20
C ILE A 185 8.09 -5.10 9.34
N GLN A 186 7.25 -4.09 9.09
CA GLN A 186 7.04 -3.06 10.11
C GLN A 186 6.22 -3.56 11.31
N GLY A 187 5.32 -4.51 11.08
CA GLY A 187 4.45 -5.00 12.16
C GLY A 187 5.07 -6.11 13.00
N TYR A 188 6.04 -6.82 12.41
CA TYR A 188 6.55 -8.09 12.98
C TYR A 188 8.08 -8.24 13.01
N ASP A 189 8.82 -7.34 12.36
CA ASP A 189 10.27 -7.36 12.47
C ASP A 189 10.73 -6.11 13.22
N ALA A 190 10.37 -4.93 12.72
CA ALA A 190 10.75 -3.66 13.38
C ALA A 190 9.82 -3.28 14.54
N GLY A 191 8.58 -3.80 14.51
CA GLY A 191 7.57 -3.44 15.51
C GLY A 191 7.20 -1.97 15.54
N LEU A 192 7.29 -1.29 14.38
CA LEU A 192 7.00 0.14 14.30
C LEU A 192 5.55 0.42 13.88
N GLN A 193 4.86 -0.63 13.44
CA GLN A 193 3.47 -0.51 13.03
C GLN A 193 2.66 -1.62 13.69
N ALA A 194 1.34 -1.49 13.70
CA ALA A 194 0.50 -2.43 14.45
C ALA A 194 0.68 -3.83 13.85
N PRO A 195 0.74 -4.87 14.70
CA PRO A 195 0.52 -4.88 16.14
C PRO A 195 1.75 -4.57 16.98
N GLY A 196 2.85 -4.15 16.34
CA GLY A 196 4.06 -3.72 17.04
C GLY A 196 4.84 -4.87 17.67
N ARG A 197 4.95 -5.98 16.95
CA ARG A 197 5.70 -7.12 17.47
C ARG A 197 7.10 -7.19 16.91
N CYS A 198 8.06 -7.71 17.70
CA CYS A 198 9.43 -7.90 17.25
C CYS A 198 10.23 -8.67 18.28
N SER A 199 11.46 -9.08 17.93
CA SER A 199 12.38 -9.62 18.91
C SER A 199 12.78 -8.50 19.89
N VAL A 200 12.39 -8.65 21.15
N VAL A 200 12.37 -8.64 21.14
CA VAL A 200 12.68 -7.64 22.18
CA VAL A 200 12.69 -7.64 22.17
C VAL A 200 14.19 -7.43 22.42
C VAL A 200 14.20 -7.38 22.28
N LEU A 201 15.00 -8.42 22.07
CA LEU A 201 16.46 -8.27 22.07
C LEU A 201 16.97 -7.31 21.00
N LEU A 202 16.22 -7.19 19.90
CA LEU A 202 16.60 -6.25 18.85
C LEU A 202 16.07 -4.84 19.11
N HIS A 203 14.83 -4.75 19.59
CA HIS A 203 14.17 -3.46 19.81
C HIS A 203 13.42 -3.59 21.13
N LEU A 204 13.89 -2.86 22.14
CA LEU A 204 13.39 -2.99 23.50
C LEU A 204 11.94 -2.52 23.71
N TYR A 205 11.42 -1.70 22.81
CA TYR A 205 10.06 -1.16 22.95
C TYR A 205 8.95 -2.20 22.69
N CYS A 206 9.27 -3.30 22.01
CA CYS A 206 8.25 -4.31 21.73
C CYS A 206 7.92 -5.13 22.98
N LYS A 207 6.68 -5.61 23.05
CA LYS A 207 6.16 -6.40 24.17
C LYS A 207 6.39 -7.91 23.95
N ALA A 208 6.43 -8.32 22.69
CA ALA A 208 6.49 -9.74 22.32
C ALA A 208 6.80 -9.85 20.83
N GLY A 209 7.21 -11.04 20.40
CA GLY A 209 7.42 -11.35 18.98
C GLY A 209 8.76 -12.00 18.68
N ASN A 210 9.05 -12.12 17.39
CA ASN A 210 10.25 -12.77 16.92
C ASN A 210 10.49 -12.30 15.49
N SER A 211 11.45 -11.39 15.33
CA SER A 211 11.75 -10.73 14.06
C SER A 211 12.28 -11.72 13.02
N GLY A 212 12.71 -12.90 13.47
CA GLY A 212 13.30 -13.91 12.58
C GLY A 212 12.29 -14.86 11.98
N THR A 213 11.11 -14.94 12.59
CA THR A 213 10.18 -15.99 12.20
C THR A 213 8.81 -15.44 11.83
N GLU A 214 8.32 -14.48 12.63
CA GLU A 214 6.95 -13.97 12.46
C GLU A 214 6.70 -13.28 11.12
N PRO A 215 7.68 -12.51 10.61
CA PRO A 215 7.38 -11.90 9.31
C PRO A 215 7.09 -12.90 8.19
N TYR A 216 7.77 -14.06 8.22
CA TYR A 216 7.58 -15.07 7.17
C TYR A 216 6.24 -15.79 7.30
N VAL A 217 5.81 -16.03 8.53
CA VAL A 217 4.48 -16.59 8.80
C VAL A 217 3.37 -15.66 8.30
N VAL A 218 3.51 -14.38 8.63
CA VAL A 218 2.50 -13.37 8.26
C VAL A 218 2.40 -13.26 6.72
N ALA A 219 3.54 -13.13 6.06
CA ALA A 219 3.59 -13.04 4.60
C ALA A 219 2.95 -14.26 3.96
N HIS A 220 3.30 -15.45 4.46
CA HIS A 220 2.68 -16.67 3.97
C HIS A 220 1.15 -16.62 4.07
N HIS A 221 0.63 -16.16 5.21
CA HIS A 221 -0.82 -16.06 5.40
C HIS A 221 -1.49 -15.01 4.52
N PHE A 222 -0.81 -13.86 4.31
CA PHE A 222 -1.31 -12.87 3.33
C PHE A 222 -1.48 -13.49 1.93
N ILE A 223 -0.46 -14.22 1.48
CA ILE A 223 -0.50 -14.84 0.13
C ILE A 223 -1.67 -15.82 0.04
N LEU A 224 -1.79 -16.70 1.03
CA LEU A 224 -2.90 -17.66 1.09
C LEU A 224 -4.28 -17.00 1.20
N ALA A 225 -4.35 -15.91 1.97
CA ALA A 225 -5.59 -15.13 2.11
C ALA A 225 -6.02 -14.50 0.78
N HIS A 226 -5.07 -13.89 0.07
CA HIS A 226 -5.38 -13.43 -1.27
C HIS A 226 -5.91 -14.56 -2.17
N ALA A 227 -5.19 -15.68 -2.22
CA ALA A 227 -5.59 -16.78 -3.09
C ALA A 227 -6.99 -17.35 -2.73
N ALA A 228 -7.30 -17.42 -1.44
CA ALA A 228 -8.63 -17.87 -1.00
C ALA A 228 -9.75 -16.93 -1.44
N ALA A 229 -9.56 -15.61 -1.28
CA ALA A 229 -10.54 -14.62 -1.78
C ALA A 229 -10.65 -14.68 -3.30
N ALA A 230 -9.51 -14.83 -3.97
CA ALA A 230 -9.50 -14.89 -5.45
C ALA A 230 -10.23 -16.12 -5.96
N SER A 231 -10.07 -17.23 -5.24
CA SER A 231 -10.75 -18.45 -5.62
C SER A 231 -12.29 -18.26 -5.51
N ILE A 232 -12.75 -17.66 -4.42
CA ILE A 232 -14.16 -17.30 -4.29
C ILE A 232 -14.64 -16.37 -5.41
N TYR A 233 -13.87 -15.31 -5.69
CA TYR A 233 -14.25 -14.34 -6.71
C TYR A 233 -14.41 -15.04 -8.07
N ARG A 234 -13.40 -15.82 -8.45
CA ARG A 234 -13.41 -16.50 -9.75
C ARG A 234 -14.53 -17.53 -9.87
N THR A 235 -14.77 -18.30 -8.81
CA THR A 235 -15.76 -19.38 -8.89
C THR A 235 -17.19 -18.86 -8.83
N LYS A 236 -17.44 -17.81 -8.03
CA LYS A 236 -18.81 -17.36 -7.76
C LYS A 236 -19.22 -15.99 -8.29
N TYR A 237 -18.27 -15.08 -8.52
CA TYR A 237 -18.64 -13.69 -8.82
C TYR A 237 -18.17 -13.14 -10.16
N LYS A 238 -16.99 -13.55 -10.59
CA LYS A 238 -16.34 -12.89 -11.71
C LYS A 238 -17.11 -13.01 -13.03
N ALA A 239 -17.67 -14.18 -13.30
CA ALA A 239 -18.42 -14.35 -14.56
C ALA A 239 -19.58 -13.33 -14.69
N THR A 240 -20.33 -13.08 -13.61
N THR A 240 -20.32 -13.13 -13.60
CA THR A 240 -21.47 -12.15 -13.71
CA THR A 240 -21.45 -12.21 -13.57
C THR A 240 -21.13 -10.70 -13.39
C THR A 240 -20.94 -10.76 -13.55
N GLN A 241 -20.11 -10.47 -12.56
CA GLN A 241 -19.67 -9.10 -12.27
C GLN A 241 -18.67 -8.55 -13.26
N ASN A 242 -17.84 -9.42 -13.85
CA ASN A 242 -16.90 -8.98 -14.88
C ASN A 242 -15.86 -7.98 -14.33
N GLY A 243 -15.37 -8.21 -13.10
CA GLY A 243 -14.37 -7.33 -12.49
C GLY A 243 -13.01 -8.00 -12.44
N GLN A 244 -12.05 -7.38 -11.75
CA GLN A 244 -10.72 -7.95 -11.61
C GLN A 244 -10.17 -7.70 -10.22
N LEU A 245 -9.23 -8.56 -9.83
CA LEU A 245 -8.60 -8.54 -8.52
C LEU A 245 -7.11 -8.44 -8.63
N GLY A 246 -6.51 -7.65 -7.75
CA GLY A 246 -5.06 -7.55 -7.63
C GLY A 246 -4.66 -7.26 -6.20
N ILE A 247 -3.39 -6.90 -6.02
CA ILE A 247 -2.79 -6.60 -4.73
C ILE A 247 -1.94 -5.37 -4.96
N ALA A 248 -1.75 -4.54 -3.93
CA ALA A 248 -0.82 -3.42 -4.08
C ALA A 248 0.48 -3.70 -3.32
N PHE A 249 1.58 -3.86 -4.06
CA PHE A 249 2.88 -4.16 -3.44
C PHE A 249 3.66 -2.87 -3.25
N ASP A 250 4.21 -2.69 -2.05
CA ASP A 250 5.18 -1.62 -1.86
C ASP A 250 6.51 -2.07 -2.50
N VAL A 251 7.05 -1.22 -3.35
CA VAL A 251 8.25 -1.57 -4.08
C VAL A 251 9.16 -0.36 -4.22
N MET A 252 10.24 -0.35 -3.45
CA MET A 252 11.35 0.57 -3.71
C MET A 252 12.14 0.02 -4.87
N TRP A 253 12.63 0.88 -5.75
CA TRP A 253 13.57 0.39 -6.75
C TRP A 253 14.94 0.31 -6.08
N PHE A 254 15.76 -0.67 -6.46
CA PHE A 254 17.11 -0.82 -5.92
C PHE A 254 18.13 -0.80 -7.06
N GLU A 255 19.08 0.13 -6.95
CA GLU A 255 20.19 0.18 -7.87
C GLU A 255 21.46 -0.33 -7.17
N PRO A 256 22.35 -0.99 -7.93
CA PRO A 256 23.59 -1.45 -7.29
C PRO A 256 24.41 -0.27 -6.78
N MET A 257 25.02 -0.42 -5.61
N MET A 257 24.99 -0.42 -5.59
CA MET A 257 25.81 0.67 -5.03
CA MET A 257 25.86 0.60 -4.97
C MET A 257 27.13 0.88 -5.80
C MET A 257 27.03 0.91 -5.92
N SER A 258 27.55 -0.14 -6.53
CA SER A 258 28.68 -0.05 -7.47
C SER A 258 28.32 -0.95 -8.63
N ASN A 259 28.82 -0.62 -9.81
CA ASN A 259 28.57 -1.45 -10.95
C ASN A 259 29.55 -2.61 -11.04
N THR A 260 29.37 -3.55 -10.12
CA THR A 260 30.25 -4.71 -9.97
C THR A 260 29.29 -5.87 -9.84
N THR A 261 29.75 -7.05 -10.22
N THR A 261 29.74 -7.07 -10.24
CA THR A 261 28.91 -8.23 -10.23
CA THR A 261 28.86 -8.25 -10.19
C THR A 261 28.29 -8.52 -8.85
C THR A 261 28.23 -8.40 -8.82
N ILE A 262 29.03 -8.27 -7.77
CA ILE A 262 28.56 -8.57 -6.41
C ILE A 262 27.43 -7.61 -5.95
N ASP A 263 27.55 -6.32 -6.29
CA ASP A 263 26.50 -5.37 -5.94
C ASP A 263 25.29 -5.42 -6.88
N ILE A 264 25.52 -5.77 -8.15
CA ILE A 264 24.43 -5.99 -9.10
C ILE A 264 23.56 -7.15 -8.61
N GLU A 265 24.20 -8.25 -8.23
CA GLU A 265 23.49 -9.40 -7.66
C GLU A 265 22.79 -9.06 -6.34
N ALA A 266 23.45 -8.24 -5.50
CA ALA A 266 22.82 -7.75 -4.28
C ALA A 266 21.52 -6.95 -4.51
N ALA A 267 21.53 -6.02 -5.46
CA ALA A 267 20.30 -5.24 -5.79
C ALA A 267 19.19 -6.16 -6.29
N LYS A 268 19.54 -7.11 -7.15
CA LYS A 268 18.56 -8.10 -7.63
C LYS A 268 17.99 -8.92 -6.45
N ARG A 269 18.88 -9.31 -5.53
CA ARG A 269 18.47 -10.09 -4.34
C ARG A 269 17.55 -9.25 -3.43
N ALA A 270 17.91 -7.98 -3.20
CA ALA A 270 17.08 -7.08 -2.41
C ALA A 270 15.69 -6.98 -3.02
N GLN A 271 15.61 -6.91 -4.35
CA GLN A 271 14.31 -6.82 -5.02
C GLN A 271 13.51 -8.14 -4.85
N GLU A 272 14.18 -9.27 -4.99
CA GLU A 272 13.55 -10.57 -4.76
C GLU A 272 13.01 -10.72 -3.33
N PHE A 273 13.71 -10.18 -2.34
CA PHE A 273 13.22 -10.21 -0.95
C PHE A 273 12.08 -9.21 -0.68
N GLN A 274 11.91 -8.25 -1.57
CA GLN A 274 10.88 -7.22 -1.37
C GLN A 274 9.62 -7.51 -2.20
N LEU A 275 9.76 -7.50 -3.51
CA LEU A 275 8.64 -7.79 -4.38
C LEU A 275 8.49 -9.31 -4.63
N GLY A 276 9.60 -9.99 -4.92
CA GLY A 276 9.55 -11.41 -5.30
C GLY A 276 8.97 -12.29 -4.22
N TRP A 277 9.20 -11.90 -2.96
CA TRP A 277 8.66 -12.61 -1.82
C TRP A 277 7.17 -12.91 -2.00
N PHE A 278 6.43 -11.92 -2.53
CA PHE A 278 5.00 -12.07 -2.79
C PHE A 278 4.69 -12.41 -4.23
N ALA A 279 5.37 -11.74 -5.16
CA ALA A 279 5.05 -11.91 -6.58
C ALA A 279 5.52 -13.23 -7.17
N ASP A 280 6.65 -13.76 -6.72
CA ASP A 280 7.07 -15.04 -7.27
C ASP A 280 6.04 -16.16 -6.98
N PRO A 281 5.52 -16.22 -5.75
CA PRO A 281 4.42 -17.18 -5.55
C PRO A 281 3.23 -17.00 -6.52
N PHE A 282 2.74 -15.76 -6.66
CA PHE A 282 1.61 -15.49 -7.56
C PHE A 282 1.87 -15.76 -9.05
N PHE A 283 3.12 -15.68 -9.48
CA PHE A 283 3.41 -15.96 -10.89
C PHE A 283 4.00 -17.32 -11.17
N PHE A 284 4.76 -17.84 -10.21
CA PHE A 284 5.51 -19.09 -10.44
C PHE A 284 5.16 -20.20 -9.46
N GLY A 285 4.40 -19.87 -8.43
CA GLY A 285 3.97 -20.88 -7.49
C GLY A 285 4.92 -21.23 -6.37
N ASP A 286 6.01 -20.47 -6.21
CA ASP A 286 6.88 -20.65 -5.04
C ASP A 286 7.63 -19.36 -4.74
N TYR A 287 8.20 -19.28 -3.54
CA TYR A 287 9.08 -18.18 -3.16
C TYR A 287 10.33 -18.12 -4.02
N PRO A 288 11.00 -16.95 -4.08
CA PRO A 288 12.29 -16.92 -4.79
C PRO A 288 13.30 -17.92 -4.22
N ALA A 289 14.09 -18.54 -5.11
CA ALA A 289 15.16 -19.46 -4.70
C ALA A 289 16.13 -18.85 -3.67
N THR A 290 16.48 -17.58 -3.85
CA THR A 290 17.38 -16.89 -2.92
C THR A 290 16.83 -16.82 -1.49
N MET A 291 15.51 -16.69 -1.36
CA MET A 291 14.87 -16.69 -0.04
C MET A 291 14.88 -18.10 0.56
N ARG A 292 14.53 -19.10 -0.24
CA ARG A 292 14.64 -20.50 0.20
C ARG A 292 16.06 -20.80 0.71
N ALA A 293 17.07 -20.35 -0.04
CA ALA A 293 18.47 -20.62 0.31
C ALA A 293 18.88 -19.92 1.60
N ARG A 294 18.39 -18.71 1.82
CA ARG A 294 18.89 -17.89 2.92
C ARG A 294 18.04 -17.96 4.20
N VAL A 295 16.73 -18.13 4.04
CA VAL A 295 15.82 -18.17 5.18
C VAL A 295 15.59 -19.60 5.65
N GLY A 296 15.72 -20.55 4.74
CA GLY A 296 15.70 -21.97 5.10
C GLY A 296 14.40 -22.41 5.75
N GLU A 297 14.50 -23.07 6.89
CA GLU A 297 13.32 -23.64 7.54
C GLU A 297 12.41 -22.59 8.15
N ARG A 298 12.87 -21.35 8.24
CA ARG A 298 12.01 -20.27 8.71
C ARG A 298 11.03 -19.74 7.62
N LEU A 299 11.21 -20.23 6.39
CA LEU A 299 10.34 -19.83 5.26
C LEU A 299 9.38 -20.98 5.03
N PRO A 300 8.06 -20.74 5.17
CA PRO A 300 7.06 -21.79 5.01
C PRO A 300 7.06 -22.35 3.58
N ARG A 301 6.57 -23.58 3.43
CA ARG A 301 6.43 -24.22 2.12
C ARG A 301 4.98 -24.31 1.74
N PHE A 302 4.67 -24.01 0.49
CA PHE A 302 3.33 -24.24 0.00
C PHE A 302 3.14 -25.74 -0.25
N THR A 303 1.94 -26.22 -0.01
CA THR A 303 1.60 -27.58 -0.45
C THR A 303 1.32 -27.47 -1.95
N ALA A 304 1.36 -28.61 -2.63
CA ALA A 304 0.98 -28.67 -4.04
C ALA A 304 -0.37 -28.02 -4.34
N ASP A 305 -1.40 -28.36 -3.56
CA ASP A 305 -2.72 -27.75 -3.72
C ASP A 305 -2.74 -26.23 -3.47
N GLU A 306 -1.94 -25.77 -2.51
CA GLU A 306 -1.84 -24.34 -2.23
C GLU A 306 -1.19 -23.61 -3.41
N ALA A 307 -0.06 -24.13 -3.89
CA ALA A 307 0.64 -23.55 -5.05
C ALA A 307 -0.28 -23.42 -6.25
N ALA A 308 -1.15 -24.41 -6.44
CA ALA A 308 -2.09 -24.40 -7.57
C ALA A 308 -3.19 -23.32 -7.50
N VAL A 309 -3.56 -22.92 -6.28
N VAL A 309 -3.60 -22.91 -6.29
CA VAL A 309 -4.53 -21.84 -6.06
CA VAL A 309 -4.55 -21.78 -6.19
C VAL A 309 -3.83 -20.47 -6.06
C VAL A 309 -3.82 -20.43 -6.07
N VAL A 310 -2.57 -20.47 -5.61
CA VAL A 310 -1.75 -19.25 -5.52
C VAL A 310 -1.24 -18.80 -6.90
N LYS A 311 -0.68 -19.72 -7.67
CA LYS A 311 -0.14 -19.36 -8.98
C LYS A 311 -1.24 -18.91 -9.94
N GLY A 312 -1.09 -17.69 -10.48
CA GLY A 312 -2.12 -17.08 -11.36
C GLY A 312 -3.25 -16.35 -10.68
N ALA A 313 -3.16 -16.13 -9.36
CA ALA A 313 -4.29 -15.57 -8.60
C ALA A 313 -4.47 -14.05 -8.74
N LEU A 314 -3.58 -13.40 -9.48
CA LEU A 314 -3.69 -11.95 -9.74
C LEU A 314 -4.22 -11.68 -11.13
N ASP A 315 -5.15 -10.73 -11.24
CA ASP A 315 -5.52 -10.18 -12.54
C ASP A 315 -4.64 -9.01 -12.95
N PHE A 316 -4.12 -8.29 -11.94
CA PHE A 316 -3.23 -7.16 -12.18
C PHE A 316 -2.29 -7.00 -10.99
N VAL A 317 -1.20 -6.28 -11.20
CA VAL A 317 -0.23 -6.03 -10.13
C VAL A 317 -0.36 -4.54 -9.81
N GLY A 318 -0.70 -4.25 -8.57
CA GLY A 318 -0.70 -2.86 -8.11
C GLY A 318 0.70 -2.58 -7.59
N ILE A 319 1.24 -1.42 -7.95
CA ILE A 319 2.57 -1.05 -7.53
C ILE A 319 2.47 0.27 -6.76
N ASN A 320 2.90 0.23 -5.51
CA ASN A 320 3.01 1.42 -4.70
C ASN A 320 4.50 1.75 -4.66
N HIS A 321 4.89 2.82 -5.36
CA HIS A 321 6.29 3.14 -5.53
C HIS A 321 6.53 4.62 -5.21
N TYR A 322 7.56 4.87 -4.42
CA TYR A 322 7.96 6.23 -4.07
C TYR A 322 9.41 6.54 -4.41
N THR A 323 10.29 5.57 -4.22
CA THR A 323 11.69 5.93 -4.10
C THR A 323 12.62 4.80 -4.57
N THR A 324 13.91 5.12 -4.67
CA THR A 324 14.94 4.21 -5.15
C THR A 324 16.11 4.38 -4.19
N TYR A 325 16.70 3.25 -3.75
CA TYR A 325 17.91 3.28 -2.91
C TYR A 325 19.03 2.54 -3.61
N TYR A 326 20.27 2.80 -3.17
CA TYR A 326 21.42 1.99 -3.57
C TYR A 326 21.52 0.76 -2.68
N THR A 327 21.95 -0.37 -3.24
CA THR A 327 22.06 -1.62 -2.51
C THR A 327 23.46 -2.21 -2.66
N ARG A 328 24.08 -2.56 -1.54
CA ARG A 328 25.35 -3.28 -1.59
C ARG A 328 25.22 -4.65 -0.93
N HIS A 329 26.12 -5.55 -1.33
CA HIS A 329 26.27 -6.84 -0.68
C HIS A 329 26.67 -6.63 0.78
N ASN A 330 26.18 -7.50 1.66
CA ASN A 330 26.55 -7.46 3.07
C ASN A 330 26.88 -8.87 3.58
N ASN A 331 28.05 -9.01 4.19
CA ASN A 331 28.47 -10.28 4.78
C ASN A 331 28.31 -10.31 6.30
N THR A 332 27.34 -11.10 6.76
CA THR A 332 27.25 -11.48 8.17
C THR A 332 26.82 -12.95 8.23
N ASN A 333 27.40 -13.70 9.18
CA ASN A 333 27.06 -15.11 9.35
C ASN A 333 26.84 -15.53 10.81
N ILE A 334 26.69 -14.54 11.69
CA ILE A 334 26.29 -14.78 13.08
C ILE A 334 25.30 -13.73 13.61
N ILE A 335 24.15 -14.23 14.05
CA ILE A 335 23.16 -13.45 14.76
C ILE A 335 22.47 -14.42 15.74
N GLY A 336 23.19 -15.51 16.03
CA GLY A 336 22.64 -16.67 16.73
C GLY A 336 21.39 -17.10 15.99
N THR A 337 20.30 -17.17 16.75
CA THR A 337 18.94 -17.27 16.23
C THR A 337 18.24 -16.07 16.87
N LEU A 338 18.77 -15.70 18.04
CA LEU A 338 18.23 -14.64 18.88
C LEU A 338 18.19 -13.28 18.18
N LEU A 339 19.09 -13.04 17.24
CA LEU A 339 19.05 -11.74 16.55
C LEU A 339 18.67 -11.84 15.06
N ASN A 340 18.21 -13.02 14.60
CA ASN A 340 17.71 -13.19 13.22
C ASN A 340 16.69 -12.09 12.89
N ASN A 341 16.74 -11.59 11.67
CA ASN A 341 15.81 -10.56 11.20
C ASN A 341 15.84 -10.51 9.66
N THR A 342 14.82 -9.88 9.09
CA THR A 342 14.64 -9.97 7.63
C THR A 342 15.76 -9.26 6.86
N LEU A 343 16.24 -8.13 7.36
CA LEU A 343 17.30 -7.41 6.64
C LEU A 343 18.59 -8.24 6.60
N ALA A 344 18.96 -8.82 7.74
CA ALA A 344 20.12 -9.73 7.76
C ALA A 344 19.92 -10.90 6.81
N ASP A 345 18.70 -11.45 6.77
CA ASP A 345 18.39 -12.54 5.84
C ASP A 345 18.66 -12.21 4.36
N THR A 346 18.37 -10.97 3.94
CA THR A 346 18.61 -10.54 2.54
C THR A 346 20.07 -10.62 2.13
N GLY A 347 20.99 -10.46 3.09
CA GLY A 347 22.42 -10.42 2.78
C GLY A 347 22.78 -9.14 2.03
N THR A 348 22.00 -8.08 2.28
CA THR A 348 22.21 -6.78 1.63
C THR A 348 22.03 -5.65 2.63
N VAL A 349 22.52 -4.47 2.26
CA VAL A 349 22.21 -3.22 2.94
C VAL A 349 21.82 -2.23 1.84
N SER A 350 20.68 -1.54 2.02
CA SER A 350 20.22 -0.55 1.05
C SER A 350 20.13 0.82 1.68
N LEU A 351 20.66 1.84 1.00
CA LEU A 351 20.72 3.19 1.55
C LEU A 351 20.57 4.18 0.41
N PRO A 352 20.01 5.37 0.70
CA PRO A 352 19.91 6.39 -0.35
C PRO A 352 21.19 7.22 -0.54
N PHE A 353 22.34 6.68 -0.13
CA PHE A 353 23.63 7.37 -0.26
C PHE A 353 24.67 6.51 -0.99
N LYS A 354 25.43 7.14 -1.88
CA LYS A 354 26.57 6.50 -2.55
C LYS A 354 27.76 7.45 -2.53
N ASN A 355 28.94 6.94 -2.16
CA ASN A 355 30.21 7.72 -2.17
C ASN A 355 30.03 9.13 -1.59
N GLY A 356 29.36 9.19 -0.44
CA GLY A 356 29.05 10.46 0.24
C GLY A 356 27.99 11.39 -0.35
N LYS A 357 27.19 10.91 -1.30
CA LYS A 357 26.21 11.77 -1.96
C LYS A 357 24.82 11.14 -1.92
N PRO A 358 23.78 11.95 -1.64
CA PRO A 358 22.42 11.37 -1.64
C PRO A 358 21.97 11.05 -3.08
N ILE A 359 21.11 10.06 -3.24
CA ILE A 359 20.64 9.63 -4.55
C ILE A 359 19.74 10.68 -5.23
N GLY A 360 19.17 11.57 -4.43
CA GLY A 360 18.34 12.67 -4.94
C GLY A 360 17.94 13.65 -3.85
N ASP A 361 17.11 14.61 -4.22
CA ASP A 361 16.43 15.47 -3.26
C ASP A 361 15.53 14.57 -2.39
N ARG A 362 15.14 15.05 -1.22
CA ARG A 362 14.31 14.27 -0.31
C ARG A 362 13.00 15.03 -0.05
N ALA A 363 11.88 14.31 0.09
CA ALA A 363 10.64 14.92 0.57
C ALA A 363 10.71 15.05 2.10
N ASN A 364 9.57 15.36 2.72
CA ASN A 364 9.52 15.45 4.19
C ASN A 364 9.91 14.15 4.91
N SER A 365 9.33 13.04 4.47
CA SER A 365 9.63 11.74 5.07
C SER A 365 11.10 11.41 4.87
N ILE A 366 11.68 10.95 5.95
CA ILE A 366 13.12 10.73 6.03
C ILE A 366 13.58 9.63 5.07
N TRP A 367 12.65 8.75 4.70
CA TRP A 367 12.95 7.63 3.82
C TRP A 367 12.70 7.94 2.32
N LEU A 368 12.08 9.07 2.02
CA LEU A 368 11.51 9.31 0.68
C LEU A 368 12.41 10.19 -0.20
N TYR A 369 13.26 9.53 -0.99
CA TYR A 369 14.16 10.20 -1.90
C TYR A 369 13.55 10.28 -3.30
N ILE A 370 13.73 11.42 -3.95
CA ILE A 370 13.07 11.72 -5.21
C ILE A 370 13.96 11.25 -6.35
N VAL A 371 13.55 10.15 -7.00
CA VAL A 371 14.39 9.50 -8.01
C VAL A 371 13.47 9.03 -9.16
N PRO A 372 13.06 9.95 -10.03
CA PRO A 372 12.03 9.65 -11.04
C PRO A 372 12.39 8.47 -11.96
N ARG A 373 13.69 8.29 -12.27
CA ARG A 373 14.09 7.19 -13.15
C ARG A 373 13.70 5.80 -12.59
N GLY A 374 13.58 5.69 -11.27
CA GLY A 374 13.29 4.39 -10.68
C GLY A 374 11.92 3.86 -11.08
N MET A 375 11.00 4.77 -11.37
CA MET A 375 9.65 4.39 -11.84
C MET A 375 9.75 3.59 -13.17
N ARG A 376 10.57 4.09 -14.09
CA ARG A 376 10.73 3.45 -15.40
C ARG A 376 11.51 2.14 -15.26
N SER A 377 12.56 2.15 -14.42
CA SER A 377 13.35 0.95 -14.19
C SER A 377 12.47 -0.17 -13.60
N LEU A 378 11.60 0.18 -12.66
CA LEU A 378 10.76 -0.81 -12.01
C LEU A 378 9.70 -1.37 -12.97
N MET A 379 9.09 -0.50 -13.76
CA MET A 379 8.11 -0.98 -14.76
C MET A 379 8.74 -2.03 -15.70
N ASN A 380 9.97 -1.77 -16.13
CA ASN A 380 10.69 -2.74 -16.97
C ASN A 380 11.02 -4.04 -16.24
N TYR A 381 11.37 -3.96 -14.97
CA TYR A 381 11.70 -5.15 -14.17
C TYR A 381 10.47 -6.04 -14.06
N VAL A 382 9.33 -5.44 -13.72
CA VAL A 382 8.07 -6.18 -13.58
C VAL A 382 7.66 -6.84 -14.91
N LYS A 383 7.77 -6.06 -16.00
N LYS A 383 7.76 -6.09 -16.01
CA LYS A 383 7.48 -6.57 -17.36
CA LYS A 383 7.43 -6.66 -17.32
C LYS A 383 8.32 -7.80 -17.72
C LYS A 383 8.31 -7.89 -17.61
N GLU A 384 9.62 -7.73 -17.46
CA GLU A 384 10.54 -8.82 -17.83
C GLU A 384 10.45 -10.01 -16.90
N ARG A 385 10.39 -9.78 -15.58
CA ARG A 385 10.36 -10.90 -14.66
C ARG A 385 9.04 -11.65 -14.71
N TYR A 386 7.92 -10.92 -14.85
CA TYR A 386 6.61 -11.56 -14.69
C TYR A 386 5.80 -11.69 -15.97
N ASN A 387 6.49 -11.54 -17.11
CA ASN A 387 5.87 -11.76 -18.41
C ASN A 387 4.75 -10.76 -18.70
N SER A 388 5.05 -9.48 -18.48
CA SER A 388 4.20 -8.38 -18.89
C SER A 388 2.76 -8.48 -18.33
N PRO A 389 2.62 -8.59 -16.99
CA PRO A 389 1.28 -8.54 -16.41
C PRO A 389 0.71 -7.11 -16.50
N PRO A 390 -0.62 -6.96 -16.46
CA PRO A 390 -1.19 -5.61 -16.34
C PRO A 390 -0.75 -5.02 -14.99
N VAL A 391 -0.37 -3.75 -15.00
CA VAL A 391 0.10 -3.04 -13.80
C VAL A 391 -0.72 -1.75 -13.64
N TYR A 392 -1.09 -1.44 -12.39
CA TYR A 392 -1.57 -0.10 -12.03
C TYR A 392 -0.62 0.49 -11.02
N ILE A 393 -0.29 1.78 -11.16
CA ILE A 393 0.43 2.45 -10.07
C ILE A 393 -0.65 2.82 -9.06
N THR A 394 -0.76 2.02 -8.00
CA THR A 394 -1.81 2.19 -7.02
C THR A 394 -1.47 3.22 -5.95
N GLU A 395 -0.20 3.66 -5.88
CA GLU A 395 0.24 4.72 -4.96
CA GLU A 395 0.23 4.76 -4.98
C GLU A 395 1.54 5.36 -5.48
N ASN A 396 1.59 6.69 -5.57
CA ASN A 396 2.83 7.41 -5.87
C ASN A 396 2.63 8.85 -5.46
N GLY A 397 3.58 9.43 -4.74
CA GLY A 397 3.44 10.84 -4.35
C GLY A 397 4.53 11.20 -3.35
N MET A 398 4.39 12.35 -2.71
CA MET A 398 5.38 12.81 -1.74
C MET A 398 4.76 13.77 -0.72
N ASP A 399 5.47 13.98 0.39
CA ASP A 399 4.91 14.74 1.46
C ASP A 399 5.66 16.05 1.78
N ASP A 400 4.89 17.01 2.25
CA ASP A 400 5.41 18.27 2.82
C ASP A 400 5.45 18.06 4.33
N SER A 401 6.19 18.90 5.05
CA SER A 401 6.11 18.87 6.51
C SER A 401 4.81 19.53 6.98
N ASN A 402 4.42 19.30 8.22
CA ASN A 402 3.33 20.05 8.81
C ASN A 402 4.02 21.17 9.58
N ASN A 403 4.07 22.37 8.99
CA ASN A 403 4.90 23.44 9.51
C ASN A 403 4.05 24.58 10.10
N PRO A 404 3.97 24.65 11.44
CA PRO A 404 3.09 25.65 12.06
C PRO A 404 3.66 27.08 11.97
N PHE A 405 4.89 27.23 11.53
CA PHE A 405 5.56 28.54 11.49
C PHE A 405 5.38 29.27 10.15
N ILE A 406 4.64 28.66 9.22
CA ILE A 406 4.29 29.32 7.97
C ILE A 406 2.78 29.47 7.83
N SER A 407 2.34 30.39 6.98
CA SER A 407 0.92 30.58 6.72
C SER A 407 0.38 29.45 5.85
N ILE A 408 -0.93 29.29 5.88
CA ILE A 408 -1.60 28.35 4.96
C ILE A 408 -1.24 28.68 3.53
N LYS A 409 -1.29 29.95 3.15
N LYS A 409 -1.29 29.96 3.17
CA LYS A 409 -0.96 30.35 1.77
CA LYS A 409 -0.92 30.43 1.82
C LYS A 409 0.43 29.87 1.31
C LYS A 409 0.40 29.85 1.35
N ASP A 410 1.43 29.94 2.19
CA ASP A 410 2.75 29.42 1.84
C ASP A 410 2.77 27.88 1.80
N ALA A 411 2.00 27.24 2.67
CA ALA A 411 1.88 25.76 2.68
C ALA A 411 1.26 25.20 1.38
N LEU A 412 0.52 26.04 0.66
CA LEU A 412 -0.12 25.61 -0.60
C LEU A 412 0.83 25.61 -1.81
N LYS A 413 2.01 26.23 -1.67
CA LYS A 413 2.92 26.36 -2.82
C LYS A 413 3.78 25.12 -2.98
N ASP A 414 3.14 24.02 -3.37
CA ASP A 414 3.84 22.73 -3.40
C ASP A 414 4.49 22.47 -4.75
N SER A 415 5.44 23.34 -5.10
CA SER A 415 6.21 23.20 -6.35
C SER A 415 7.04 21.91 -6.39
N LYS A 416 7.55 21.47 -5.26
CA LYS A 416 8.29 20.21 -5.20
C LYS A 416 7.39 19.01 -5.55
N ARG A 417 6.18 18.95 -4.98
CA ARG A 417 5.21 17.90 -5.34
C ARG A 417 4.86 17.94 -6.84
N ILE A 418 4.66 19.13 -7.38
CA ILE A 418 4.38 19.24 -8.82
C ILE A 418 5.52 18.60 -9.64
N LYS A 419 6.75 18.96 -9.35
CA LYS A 419 7.90 18.42 -10.09
C LYS A 419 8.03 16.90 -9.89
N TYR A 420 7.76 16.44 -8.67
CA TYR A 420 7.77 14.99 -8.37
C TYR A 420 6.76 14.26 -9.30
N HIS A 421 5.51 14.69 -9.28
CA HIS A 421 4.52 14.02 -10.13
C HIS A 421 4.84 14.20 -11.60
N ASN A 422 5.24 15.40 -12.01
CA ASN A 422 5.67 15.61 -13.41
C ASN A 422 6.76 14.61 -13.85
N ASP A 423 7.81 14.49 -13.04
CA ASP A 423 8.96 13.66 -13.39
C ASP A 423 8.67 12.15 -13.33
N TYR A 424 7.95 11.71 -12.30
CA TYR A 424 7.61 10.29 -12.20
C TYR A 424 6.61 9.88 -13.30
N LEU A 425 5.65 10.76 -13.58
CA LEU A 425 4.71 10.51 -14.69
C LEU A 425 5.36 10.52 -16.09
N THR A 426 6.34 11.39 -16.29
CA THR A 426 7.10 11.42 -17.55
C THR A 426 7.81 10.09 -17.74
N ASN A 427 8.44 9.60 -16.67
CA ASN A 427 9.09 8.31 -16.70
C ASN A 427 8.12 7.15 -16.94
N LEU A 428 6.96 7.21 -16.27
CA LEU A 428 5.91 6.20 -16.48
C LEU A 428 5.45 6.18 -17.93
N ALA A 429 5.15 7.37 -18.47
CA ALA A 429 4.72 7.54 -19.87
C ALA A 429 5.73 6.91 -20.86
N ALA A 430 7.02 7.11 -20.61
CA ALA A 430 8.09 6.50 -21.41
C ALA A 430 8.15 4.97 -21.28
N SER A 431 7.99 4.46 -20.06
CA SER A 431 7.99 2.99 -19.86
C SER A 431 6.88 2.32 -20.69
N ILE A 432 5.73 2.99 -20.82
CA ILE A 432 4.62 2.51 -21.65
C ILE A 432 4.91 2.68 -23.15
N LYS A 433 5.21 3.91 -23.57
CA LYS A 433 5.36 4.24 -25.00
C LYS A 433 6.62 3.67 -25.64
N GLU A 434 7.77 3.86 -25.00
N GLU A 434 7.77 3.85 -25.00
CA GLU A 434 9.06 3.40 -25.55
CA GLU A 434 9.05 3.40 -25.55
C GLU A 434 9.40 1.97 -25.19
C GLU A 434 9.40 1.96 -25.18
N ASP A 435 9.05 1.56 -23.96
CA ASP A 435 9.49 0.27 -23.43
C ASP A 435 8.45 -0.84 -23.54
N GLY A 436 7.21 -0.47 -23.87
CA GLY A 436 6.13 -1.45 -24.01
C GLY A 436 5.54 -1.99 -22.71
N CYS A 437 5.73 -1.30 -21.58
CA CYS A 437 5.12 -1.79 -20.32
C CYS A 437 3.60 -1.60 -20.31
N ASP A 438 2.89 -2.63 -19.85
CA ASP A 438 1.43 -2.60 -19.79
C ASP A 438 0.92 -1.95 -18.49
N VAL A 439 0.98 -0.62 -18.43
CA VAL A 439 0.48 0.12 -17.28
C VAL A 439 -0.88 0.67 -17.65
N ARG A 440 -1.87 0.51 -16.76
CA ARG A 440 -3.27 0.84 -17.07
C ARG A 440 -3.79 2.04 -16.33
N GLY A 441 -3.07 2.48 -15.28
CA GLY A 441 -3.59 3.60 -14.51
C GLY A 441 -2.61 4.05 -13.44
N TYR A 442 -2.95 5.14 -12.77
CA TYR A 442 -2.05 5.84 -11.86
C TYR A 442 -2.87 6.57 -10.82
N PHE A 443 -2.50 6.36 -9.56
CA PHE A 443 -3.21 6.91 -8.40
C PHE A 443 -2.24 7.68 -7.52
N ALA A 444 -2.46 8.97 -7.39
CA ALA A 444 -1.61 9.82 -6.57
C ALA A 444 -1.91 9.59 -5.09
N TRP A 445 -0.85 9.46 -4.29
CA TRP A 445 -0.99 9.50 -2.84
C TRP A 445 -0.64 10.94 -2.44
N SER A 446 -1.59 11.72 -1.94
CA SER A 446 -2.97 11.29 -1.58
C SER A 446 -3.93 12.43 -1.92
N LEU A 447 -5.25 12.19 -1.89
CA LEU A 447 -6.17 13.31 -2.20
C LEU A 447 -6.03 14.46 -1.18
N LEU A 448 -6.06 14.10 0.10
CA LEU A 448 -5.99 15.03 1.21
C LEU A 448 -4.81 14.71 2.08
N ASP A 449 -4.29 15.72 2.77
CA ASP A 449 -3.43 15.46 3.94
C ASP A 449 -4.19 14.58 4.91
N ASN A 450 -3.50 13.64 5.54
CA ASN A 450 -4.20 12.68 6.37
C ASN A 450 -3.29 12.15 7.48
N TRP A 451 -3.79 11.18 8.24
CA TRP A 451 -3.03 10.67 9.38
C TRP A 451 -2.06 9.61 8.88
N GLU A 452 -0.77 9.94 8.91
CA GLU A 452 0.27 9.13 8.31
C GLU A 452 0.87 8.10 9.29
N TRP A 453 0.00 7.22 9.80
CA TRP A 453 0.45 6.08 10.62
C TRP A 453 1.30 6.55 11.79
N ALA A 454 2.47 5.95 12.04
CA ALA A 454 3.32 6.34 13.20
C ALA A 454 3.89 7.77 13.12
N ALA A 455 3.85 8.37 11.93
CA ALA A 455 4.21 9.80 11.77
C ALA A 455 3.05 10.76 12.12
N GLY A 456 1.87 10.22 12.35
CA GLY A 456 0.72 11.05 12.71
C GLY A 456 0.44 12.16 11.70
N TYR A 457 0.17 13.35 12.22
CA TYR A 457 -0.11 14.53 11.40
C TYR A 457 1.14 15.32 11.00
N SER A 458 2.32 14.76 11.26
CA SER A 458 3.57 15.47 10.92
C SER A 458 3.91 15.44 9.40
N SER A 459 3.14 14.67 8.64
CA SER A 459 3.41 14.48 7.22
C SER A 459 2.17 14.81 6.38
N ARG A 460 2.34 15.68 5.38
CA ARG A 460 1.24 16.19 4.55
C ARG A 460 1.44 15.71 3.09
N PHE A 461 0.77 14.60 2.74
CA PHE A 461 0.87 13.98 1.42
C PHE A 461 -0.20 14.49 0.45
N GLY A 462 -1.09 15.35 0.91
CA GLY A 462 -2.29 15.69 0.13
C GLY A 462 -2.08 16.61 -1.08
N LEU A 463 -2.91 16.42 -2.12
CA LEU A 463 -3.09 17.48 -3.14
C LEU A 463 -3.85 18.65 -2.50
N TYR A 464 -4.76 18.33 -1.59
CA TYR A 464 -5.42 19.35 -0.76
C TYR A 464 -4.82 19.43 0.65
N PHE A 465 -4.60 20.66 1.08
CA PHE A 465 -4.15 20.95 2.44
C PHE A 465 -5.34 20.85 3.38
N VAL A 466 -5.14 20.21 4.53
CA VAL A 466 -6.19 20.13 5.55
C VAL A 466 -5.82 20.97 6.77
N ASP A 467 -6.67 21.93 7.09
CA ASP A 467 -6.45 22.80 8.25
C ASP A 467 -6.97 22.12 9.50
N TYR A 468 -6.07 21.47 10.22
CA TYR A 468 -6.41 20.76 11.45
C TYR A 468 -6.85 21.70 12.58
N LYS A 469 -6.54 22.97 12.42
CA LYS A 469 -6.88 23.98 13.44
C LYS A 469 -8.17 24.73 13.12
N ASP A 470 -8.79 24.46 11.96
CA ASP A 470 -10.03 25.11 11.53
C ASP A 470 -11.04 24.11 10.97
N ASN A 471 -11.52 23.21 11.82
CA ASN A 471 -12.55 22.25 11.45
C ASN A 471 -12.24 21.51 10.14
N LEU A 472 -10.97 21.12 9.97
CA LEU A 472 -10.58 20.23 8.83
C LEU A 472 -10.87 20.83 7.45
N LYS A 473 -10.84 22.15 7.35
CA LYS A 473 -11.06 22.81 6.08
C LYS A 473 -10.06 22.38 5.00
N ARG A 474 -10.57 22.06 3.81
CA ARG A 474 -9.73 21.64 2.68
C ARG A 474 -9.40 22.84 1.81
N TYR A 475 -8.11 23.02 1.52
CA TYR A 475 -7.63 24.07 0.61
C TYR A 475 -6.82 23.43 -0.50
N PRO A 476 -7.05 23.85 -1.77
CA PRO A 476 -6.25 23.31 -2.87
C PRO A 476 -4.77 23.75 -2.85
N LYS A 477 -3.84 22.80 -2.84
CA LYS A 477 -2.45 23.20 -3.05
C LYS A 477 -2.27 23.51 -4.54
N ASN A 478 -1.14 24.09 -4.93
CA ASN A 478 -0.87 24.36 -6.36
C ASN A 478 -1.01 23.13 -7.26
N SER A 479 -0.65 21.95 -6.72
CA SER A 479 -0.73 20.70 -7.47
C SER A 479 -2.14 20.40 -7.94
N VAL A 480 -3.17 20.94 -7.27
CA VAL A 480 -4.57 20.71 -7.72
C VAL A 480 -4.78 21.28 -9.15
N GLN A 481 -4.37 22.53 -9.37
CA GLN A 481 -4.41 23.12 -10.72
C GLN A 481 -3.57 22.37 -11.74
N TRP A 482 -2.37 21.94 -11.35
CA TRP A 482 -1.51 21.16 -12.24
C TRP A 482 -2.19 19.85 -12.71
N PHE A 483 -2.81 19.12 -11.79
CA PHE A 483 -3.57 17.91 -12.17
C PHE A 483 -4.81 18.24 -13.03
N LYS A 484 -5.56 19.27 -12.64
N LYS A 484 -5.57 19.27 -12.64
CA LYS A 484 -6.71 19.72 -13.43
CA LYS A 484 -6.71 19.69 -13.45
C LYS A 484 -6.28 19.98 -14.88
C LYS A 484 -6.26 19.96 -14.90
N ALA A 485 -5.17 20.69 -15.07
CA ALA A 485 -4.60 20.94 -16.42
C ALA A 485 -4.11 19.67 -17.14
N LEU A 486 -3.43 18.79 -16.40
CA LEU A 486 -3.06 17.47 -16.94
C LEU A 486 -4.28 16.70 -17.47
N LEU A 487 -5.36 16.70 -16.71
CA LEU A 487 -6.47 15.82 -17.00
C LEU A 487 -7.54 16.41 -17.93
N LYS A 488 -7.30 17.63 -18.43
CA LYS A 488 -8.20 18.34 -19.34
C LYS A 488 -8.64 17.51 -20.53
N THR A 489 -9.93 17.62 -20.84
CA THR A 489 -10.51 17.09 -22.07
C THR A 489 -11.35 18.19 -22.73
C1 GLC B . 1.48 4.01 0.98
C2 GLC B . 0.49 3.46 2.01
C3 GLC B . -0.25 4.60 2.70
C4 GLC B . 0.76 5.62 3.24
C5 GLC B . 1.65 6.11 2.10
C6 GLC B . 2.73 7.11 2.55
O2 GLC B . -0.44 2.62 1.37
O3 GLC B . -1.02 4.03 3.75
O4 GLC B . 0.12 6.72 3.83
O5 GLC B . 2.32 4.98 1.58
O6 GLC B . 3.63 6.48 3.45
C1 GOL C . 0.59 3.21 2.49
O1 GOL C . 0.02 2.24 1.62
C2 GOL C . -0.29 4.45 2.51
O2 GOL C . -1.31 4.26 3.48
C3 GOL C . 0.55 5.67 2.89
O3 GOL C . 1.42 5.34 3.94
C1 GOL D . 14.23 -6.58 4.78
O1 GOL D . 14.13 -5.85 5.99
C2 GOL D . 12.91 -6.46 4.02
O2 GOL D . 12.62 -5.10 3.77
C3 GOL D . 12.93 -7.30 2.75
O3 GOL D . 12.40 -8.59 3.02
C1 GOL E . 7.25 1.87 2.55
O1 GOL E . 8.50 2.53 2.50
C2 GOL E . 6.13 2.88 2.35
O2 GOL E . 5.54 2.69 1.08
C3 GOL E . 5.05 2.67 3.39
O3 GOL E . 4.17 3.78 3.41
C1 GOL F . 0.35 26.04 7.91
O1 GOL F . 1.50 25.25 7.79
C2 GOL F . -0.51 25.62 9.10
O2 GOL F . 0.16 24.76 10.00
C3 GOL F . -1.10 26.82 9.81
O3 GOL F . -0.34 28.00 9.58
C1 GOL G . -15.74 16.16 13.67
O1 GOL G . -15.16 16.77 12.54
C2 GOL G . -17.27 16.25 13.60
O2 GOL G . -17.80 16.12 14.90
C3 GOL G . -17.84 15.10 12.76
O3 GOL G . -18.43 15.61 11.59
C1 GOL H . -7.29 15.69 13.09
O1 GOL H . -8.62 15.35 13.31
C2 GOL H . -6.82 16.78 14.06
O2 GOL H . -7.24 16.51 15.37
C3 GOL H . -5.31 16.87 14.05
O3 GOL H . -4.89 17.58 15.20
#